data_3NZN
#
_entry.id   3NZN
#
_cell.length_a   109.423
_cell.length_b   31.542
_cell.length_c   57.935
_cell.angle_alpha   90.00
_cell.angle_beta   109.12
_cell.angle_gamma   90.00
#
_symmetry.space_group_name_H-M   'C 1 2 1'
#
loop_
_entity.id
_entity.type
_entity.pdbx_description
1 polymer Glutaredoxin
2 non-polymer GLYCEROL
3 non-polymer 'SULFATE ION'
4 water water
#
_entity_poly.entity_id   1
_entity_poly.type   'polypeptide(L)'
_entity_poly.pdbx_seq_one_letter_code
;SNAVNLFGQKDRGNHVSGVDRGKVIMYGLSTCVWCKKTKKLLTDLGVDFDYVYVDRLEGKEEEEAVEEVRRFNPSVSFPT
TIINDEKAIVGFKEKEIRESLGF
;
_entity_poly.pdbx_strand_id   A,B
#
loop_
_chem_comp.id
_chem_comp.type
_chem_comp.name
_chem_comp.formula
GOL non-polymer GLYCEROL 'C3 H8 O3'
SO4 non-polymer 'SULFATE ION' 'O4 S -2'
#
# COMPACT_ATOMS: atom_id res chain seq x y z
N SER A 1 2.16 -0.42 -1.93
CA SER A 1 0.89 -0.17 -1.17
C SER A 1 1.29 0.43 0.18
N ASN A 2 0.28 0.97 0.87
CA ASN A 2 0.52 1.47 2.24
C ASN A 2 -0.72 1.33 3.07
N ALA A 3 -0.49 1.38 4.36
CA ALA A 3 -1.53 1.32 5.37
C ALA A 3 -1.39 2.48 6.29
N VAL A 4 -2.55 2.94 6.84
CA VAL A 4 -2.58 3.97 7.90
C VAL A 4 -3.10 3.40 9.21
N ASN A 5 -2.70 4.08 10.30
CA ASN A 5 -3.28 3.82 11.60
C ASN A 5 -4.65 4.51 11.69
N LEU A 6 -5.24 4.40 12.87
CA LEU A 6 -6.61 4.97 13.14
C LEU A 6 -6.58 6.52 12.99
N PHE A 7 -5.43 7.10 13.22
CA PHE A 7 -5.26 8.52 13.22
C PHE A 7 -4.87 9.05 11.87
N GLY A 8 -4.90 8.19 10.83
CA GLY A 8 -4.65 8.62 9.51
C GLY A 8 -3.20 8.71 9.09
N GLN A 9 -2.28 8.33 9.94
CA GLN A 9 -0.87 8.37 9.69
C GLN A 9 -0.41 7.05 9.07
N LYS A 10 0.42 7.13 8.00
CA LYS A 10 1.00 5.99 7.38
C LYS A 10 1.86 5.21 8.35
N ASP A 11 1.56 3.91 8.50
CA ASP A 11 2.33 3.13 9.45
C ASP A 11 3.12 1.95 8.80
N ARG A 12 2.84 1.67 7.51
CA ARG A 12 3.49 0.56 6.79
C ARG A 12 3.38 0.83 5.34
N GLY A 13 4.38 0.37 4.59
CA GLY A 13 4.32 0.29 3.11
C GLY A 13 4.93 -1.01 2.65
N ASN A 14 4.47 -1.42 1.46
CA ASN A 14 4.96 -2.63 0.79
C ASN A 14 5.19 -2.34 -0.67
N HIS A 15 6.45 -2.36 -1.00
CA HIS A 15 6.82 -2.15 -2.41
C HIS A 15 7.05 -3.53 -3.01
N VAL A 16 6.19 -3.93 -3.95
CA VAL A 16 6.15 -5.26 -4.48
C VAL A 16 5.97 -5.19 -6.03
N SER A 17 6.63 -4.21 -6.64
CA SER A 17 6.59 -4.03 -8.08
C SER A 17 7.95 -3.91 -8.74
N GLY A 18 8.97 -4.32 -8.02
CA GLY A 18 10.32 -4.33 -8.54
C GLY A 18 10.89 -5.70 -8.56
N VAL A 19 12.13 -5.85 -8.13
CA VAL A 19 12.80 -7.13 -8.18
C VAL A 19 12.58 -7.96 -6.97
N ASP A 20 12.07 -9.19 -7.14
CA ASP A 20 11.86 -10.07 -5.99
C ASP A 20 13.19 -10.54 -5.47
N ARG A 21 13.53 -10.16 -4.24
CA ARG A 21 14.65 -10.70 -3.50
C ARG A 21 14.17 -11.43 -2.22
N GLY A 22 12.94 -11.86 -2.25
CA GLY A 22 12.31 -12.53 -1.10
C GLY A 22 11.82 -11.52 -0.06
N LYS A 23 11.64 -11.98 1.16
CA LYS A 23 11.07 -11.14 2.21
C LYS A 23 12.18 -10.19 2.67
N VAL A 24 11.94 -8.91 2.57
CA VAL A 24 12.82 -7.89 3.05
C VAL A 24 11.94 -6.86 3.81
N ILE A 25 12.25 -6.67 5.11
CA ILE A 25 11.42 -5.77 5.93
C ILE A 25 12.31 -4.87 6.78
N MET A 26 12.03 -3.56 6.60
CA MET A 26 12.70 -2.57 7.45
C MET A 26 11.73 -2.07 8.55
N TYR A 27 12.14 -2.34 9.79
CA TYR A 27 11.49 -1.71 10.95
C TYR A 27 12.19 -0.38 11.26
N GLY A 28 11.36 0.67 11.29
CA GLY A 28 11.89 1.99 11.55
C GLY A 28 10.98 2.83 12.44
N LEU A 29 11.30 4.09 12.56
CA LEU A 29 10.46 5.08 13.22
C LEU A 29 10.15 6.16 12.18
N SER A 30 8.98 6.78 12.28
CA SER A 30 8.60 7.79 11.38
C SER A 30 9.47 9.06 11.37
N THR A 31 10.06 9.30 12.52
CA THR A 31 11.04 10.37 12.81
C THR A 31 12.38 9.71 12.99
N CYS A 32 13.11 9.38 11.97
CA CYS A 32 14.39 8.71 12.10
C CYS A 32 15.08 8.92 10.73
N VAL A 33 16.04 9.82 10.73
CA VAL A 33 16.81 10.17 9.50
C VAL A 33 17.49 8.99 8.89
N TRP A 34 18.05 8.11 9.68
CA TRP A 34 18.72 6.97 9.14
C TRP A 34 17.79 5.91 8.60
N CYS A 35 16.60 5.84 9.19
CA CYS A 35 15.56 4.98 8.66
C CYS A 35 15.17 5.47 7.30
N LYS A 36 15.03 6.78 7.12
CA LYS A 36 14.64 7.31 5.82
C LYS A 36 15.75 7.07 4.78
N LYS A 37 16.99 7.16 5.21
CA LYS A 37 18.09 6.92 4.30
C LYS A 37 18.11 5.44 3.90
N THR A 38 17.81 4.52 4.79
CA THR A 38 17.67 3.11 4.47
C THR A 38 16.54 2.84 3.54
N LYS A 39 15.37 3.43 3.73
CA LYS A 39 14.29 3.32 2.81
C LYS A 39 14.70 3.80 1.41
N LYS A 40 15.38 4.94 1.36
CA LYS A 40 15.85 5.48 0.07
C LYS A 40 16.81 4.51 -0.63
N LEU A 41 17.70 3.88 0.12
CA LEU A 41 18.63 2.87 -0.47
C LEU A 41 17.82 1.75 -1.03
N LEU A 42 16.87 1.16 -0.29
CA LEU A 42 16.07 0.07 -0.77
C LEU A 42 15.28 0.47 -2.01
N THR A 43 14.77 1.68 -2.04
CA THR A 43 14.06 2.18 -3.18
C THR A 43 15.05 2.26 -4.40
N ASP A 44 16.22 2.80 -4.16
CA ASP A 44 17.16 3.04 -5.25
C ASP A 44 17.76 1.76 -5.78
N LEU A 45 17.75 0.67 -5.03
CA LEU A 45 18.22 -0.68 -5.49
C LEU A 45 17.15 -1.34 -6.30
N GLY A 46 15.87 -0.86 -6.22
CA GLY A 46 14.80 -1.47 -7.08
C GLY A 46 14.25 -2.76 -6.56
N VAL A 47 14.57 -3.11 -5.30
CA VAL A 47 14.13 -4.39 -4.70
C VAL A 47 12.68 -4.27 -4.09
N ASP A 48 12.02 -5.34 -4.07
CA ASP A 48 10.75 -5.43 -3.31
C ASP A 48 11.17 -5.39 -1.83
N PHE A 49 10.39 -4.59 -1.05
CA PHE A 49 10.59 -4.54 0.43
C PHE A 49 9.32 -3.94 1.05
N ASP A 50 9.23 -4.32 2.34
CA ASP A 50 8.23 -3.69 3.22
C ASP A 50 8.97 -2.84 4.23
N TYR A 51 8.19 -1.86 4.75
CA TYR A 51 8.67 -1.04 5.90
C TYR A 51 7.47 -0.81 6.86
N VAL A 52 7.91 -0.66 8.11
CA VAL A 52 6.93 -0.46 9.26
C VAL A 52 7.53 0.65 10.10
N TYR A 53 6.60 1.62 10.45
CA TYR A 53 6.96 2.65 11.39
C TYR A 53 6.41 2.28 12.78
N VAL A 54 7.22 1.75 13.59
CA VAL A 54 6.79 1.10 14.82
C VAL A 54 6.12 2.21 15.77
N ASP A 55 6.56 3.39 15.70
CA ASP A 55 5.97 4.42 16.56
C ASP A 55 4.61 4.81 16.09
N ARG A 56 4.10 4.40 14.94
CA ARG A 56 2.78 4.65 14.47
C ARG A 56 1.84 3.51 14.68
N LEU A 57 2.32 2.46 15.30
CA LEU A 57 1.47 1.31 15.59
C LEU A 57 0.88 1.43 16.98
N GLU A 58 -0.16 0.64 17.21
CA GLU A 58 -0.93 0.60 18.38
C GLU A 58 -1.18 -0.82 18.83
N GLY A 59 -1.47 -1.00 20.12
CA GLY A 59 -1.96 -2.21 20.64
C GLY A 59 -1.13 -3.40 20.25
N LYS A 60 -1.79 -4.49 19.85
CA LYS A 60 -1.13 -5.72 19.65
C LYS A 60 -0.15 -5.59 18.47
N GLU A 61 -0.47 -4.79 17.47
CA GLU A 61 0.42 -4.63 16.39
C GLU A 61 1.77 -4.04 16.83
N GLU A 62 1.75 -3.04 17.66
CA GLU A 62 2.98 -2.45 18.16
C GLU A 62 3.75 -3.45 18.98
N GLU A 63 3.05 -4.24 19.79
CA GLU A 63 3.68 -5.23 20.64
C GLU A 63 4.42 -6.26 19.74
N GLU A 64 3.70 -6.76 18.75
CA GLU A 64 4.21 -7.76 17.88
C GLU A 64 5.42 -7.24 17.06
N ALA A 65 5.41 -5.98 16.64
CA ALA A 65 6.53 -5.41 15.90
C ALA A 65 7.74 -5.34 16.77
N VAL A 66 7.59 -4.85 18.02
CA VAL A 66 8.72 -4.77 18.90
C VAL A 66 9.29 -6.14 19.18
N GLU A 67 8.42 -7.12 19.40
CA GLU A 67 8.94 -8.46 19.63
C GLU A 67 9.70 -8.97 18.43
N GLU A 68 9.25 -8.68 17.22
CA GLU A 68 9.99 -9.11 16.04
C GLU A 68 11.38 -8.44 15.96
N VAL A 69 11.43 -7.13 16.18
CA VAL A 69 12.69 -6.45 16.21
C VAL A 69 13.58 -7.04 17.29
N ARG A 70 13.04 -7.24 18.51
CA ARG A 70 13.89 -7.74 19.58
C ARG A 70 14.51 -9.12 19.30
N ARG A 71 13.74 -9.93 18.63
CA ARG A 71 14.22 -11.29 18.24
C ARG A 71 15.54 -11.22 17.44
N PHE A 72 15.61 -10.25 16.53
CA PHE A 72 16.71 -10.10 15.61
C PHE A 72 17.74 -9.07 16.07
N ASN A 73 17.34 -8.24 17.04
CA ASN A 73 18.10 -7.07 17.48
C ASN A 73 17.68 -6.76 18.92
N PRO A 74 18.38 -7.38 19.88
CA PRO A 74 18.03 -7.16 21.26
C PRO A 74 18.06 -5.75 21.78
N SER A 75 18.78 -4.90 21.10
CA SER A 75 18.83 -3.48 21.43
C SER A 75 17.50 -2.78 21.18
N VAL A 76 16.65 -3.34 20.33
CA VAL A 76 15.42 -2.67 19.89
C VAL A 76 15.75 -1.27 19.46
N SER A 77 16.50 -1.24 18.33
CA SER A 77 16.96 -0.02 17.73
C SER A 77 16.59 -0.01 16.24
N PHE A 78 16.69 1.17 15.67
CA PHE A 78 16.08 1.43 14.35
C PHE A 78 17.03 2.26 13.48
N PRO A 79 17.15 1.93 12.18
CA PRO A 79 16.42 0.88 11.56
C PRO A 79 16.95 -0.52 11.86
N THR A 80 16.07 -1.51 11.81
CA THR A 80 16.47 -2.92 11.75
C THR A 80 15.81 -3.47 10.47
N THR A 81 16.72 -3.95 9.56
CA THR A 81 16.29 -4.50 8.28
C THR A 81 16.53 -5.98 8.31
N ILE A 82 15.51 -6.75 8.09
CA ILE A 82 15.56 -8.22 8.19
C ILE A 82 15.37 -8.77 6.79
N ILE A 83 16.37 -9.56 6.36
CA ILE A 83 16.46 -10.07 5.02
C ILE A 83 16.33 -11.59 5.03
N ASN A 84 15.25 -12.03 4.36
CA ASN A 84 14.96 -13.48 4.19
C ASN A 84 14.88 -14.21 5.51
N ASP A 85 14.42 -13.52 6.51
CA ASP A 85 14.18 -14.08 7.88
C ASP A 85 15.47 -14.59 8.44
N GLU A 86 16.61 -14.11 7.96
CA GLU A 86 17.90 -14.69 8.35
C GLU A 86 18.90 -13.68 8.75
N LYS A 87 19.05 -12.62 7.98
CA LYS A 87 20.12 -11.68 8.20
C LYS A 87 19.49 -10.38 8.69
N ALA A 88 19.91 -9.93 9.86
CA ALA A 88 19.45 -8.65 10.41
C ALA A 88 20.59 -7.59 10.30
N ILE A 89 20.26 -6.42 9.78
CA ILE A 89 21.20 -5.34 9.69
C ILE A 89 20.66 -4.17 10.50
N VAL A 90 21.45 -3.76 11.48
CA VAL A 90 21.05 -2.71 12.43
C VAL A 90 21.75 -1.44 12.01
N GLY A 91 20.98 -0.37 11.78
CA GLY A 91 21.48 0.88 11.30
C GLY A 91 21.51 0.96 9.78
N PHE A 92 21.84 2.13 9.33
CA PHE A 92 22.14 2.37 7.92
C PHE A 92 23.56 1.97 7.64
N LYS A 93 23.71 0.76 7.08
CA LYS A 93 24.94 0.17 6.70
C LYS A 93 24.90 -0.11 5.21
N GLU A 94 25.32 0.84 4.41
CA GLU A 94 25.02 0.89 2.98
C GLU A 94 25.61 -0.34 2.21
N LYS A 95 26.91 -0.57 2.38
CA LYS A 95 27.55 -1.67 1.70
C LYS A 95 26.94 -3.05 2.13
N GLU A 96 26.73 -3.19 3.43
CA GLU A 96 26.19 -4.43 3.92
C GLU A 96 24.81 -4.71 3.40
N ILE A 97 23.97 -3.69 3.33
CA ILE A 97 22.64 -3.85 2.83
C ILE A 97 22.68 -4.26 1.36
N ARG A 98 23.42 -3.48 0.51
CA ARG A 98 23.45 -3.82 -0.91
C ARG A 98 24.06 -5.19 -1.16
N GLU A 99 25.07 -5.55 -0.45
CA GLU A 99 25.68 -6.88 -0.69
C GLU A 99 24.74 -7.98 -0.28
N SER A 100 24.07 -7.81 0.89
CA SER A 100 23.18 -8.84 1.35
C SER A 100 22.06 -9.06 0.42
N LEU A 101 21.63 -8.04 -0.31
CA LEU A 101 20.56 -8.12 -1.25
C LEU A 101 20.97 -8.57 -2.70
N GLY A 102 22.26 -8.90 -2.82
CA GLY A 102 22.73 -9.49 -4.09
C GLY A 102 23.32 -8.53 -5.04
N PHE A 103 23.76 -7.38 -4.63
CA PHE A 103 24.44 -6.40 -5.45
C PHE A 103 25.93 -6.40 -5.23
N SER B 1 -19.09 3.51 -19.19
CA SER B 1 -19.83 3.39 -20.50
C SER B 1 -20.51 4.72 -20.70
N ASN B 2 -21.06 5.05 -21.86
CA ASN B 2 -21.97 6.19 -22.02
C ASN B 2 -23.43 5.88 -21.66
N ALA B 3 -23.68 4.67 -21.15
CA ALA B 3 -25.02 4.29 -20.77
C ALA B 3 -25.42 5.13 -19.52
N VAL B 4 -26.72 5.36 -19.36
CA VAL B 4 -27.31 6.00 -18.18
C VAL B 4 -28.22 5.05 -17.46
N ASN B 5 -28.48 5.31 -16.16
CA ASN B 5 -29.35 4.49 -15.40
C ASN B 5 -30.78 4.82 -15.68
N LEU B 6 -31.69 4.12 -15.01
CA LEU B 6 -33.09 4.34 -15.20
C LEU B 6 -33.54 5.78 -14.99
N PHE B 7 -32.81 6.43 -14.11
CA PHE B 7 -33.10 7.74 -13.68
C PHE B 7 -32.30 8.79 -14.40
N GLY B 8 -31.63 8.37 -15.50
CA GLY B 8 -30.94 9.27 -16.36
C GLY B 8 -29.54 9.67 -15.94
N GLN B 9 -29.02 9.11 -14.87
CA GLN B 9 -27.70 9.45 -14.41
C GLN B 9 -26.61 8.73 -15.20
N LYS B 10 -25.55 9.44 -15.54
CA LYS B 10 -24.38 8.85 -16.11
C LYS B 10 -23.69 7.86 -15.27
N ASP B 11 -22.92 7.00 -15.87
CA ASP B 11 -22.20 5.90 -15.28
C ASP B 11 -21.13 6.47 -14.37
N ARG B 12 -21.34 6.32 -13.07
CA ARG B 12 -20.45 6.86 -12.08
C ARG B 12 -19.62 5.76 -11.46
N GLY B 13 -19.84 4.50 -11.89
CA GLY B 13 -19.23 3.32 -11.31
C GLY B 13 -20.24 2.27 -10.99
N ASN B 14 -19.80 1.27 -10.25
CA ASN B 14 -20.64 0.13 -9.99
C ASN B 14 -20.06 -0.76 -8.92
N HIS B 15 -20.86 -1.72 -8.52
CA HIS B 15 -20.53 -2.81 -7.59
C HIS B 15 -20.39 -4.08 -8.41
N VAL B 16 -19.29 -4.77 -8.21
CA VAL B 16 -19.07 -6.07 -8.82
C VAL B 16 -19.07 -7.10 -7.66
N SER B 17 -20.03 -8.00 -7.69
CA SER B 17 -20.19 -9.00 -6.64
C SER B 17 -19.11 -10.03 -6.75
N GLY B 18 -18.59 -10.43 -5.61
CA GLY B 18 -17.61 -11.50 -5.55
C GLY B 18 -17.30 -11.95 -4.18
N VAL B 19 -16.17 -12.58 -3.95
CA VAL B 19 -15.71 -13.01 -2.65
C VAL B 19 -15.32 -11.84 -1.79
N ASP B 20 -15.87 -11.69 -0.57
CA ASP B 20 -15.60 -10.56 0.32
C ASP B 20 -14.22 -10.76 0.89
N ARG B 21 -13.34 -9.88 0.48
CA ARG B 21 -12.04 -9.75 1.04
C ARG B 21 -11.87 -8.36 1.68
N GLY B 22 -12.94 -7.79 2.20
CA GLY B 22 -12.96 -6.45 2.76
C GLY B 22 -13.82 -5.53 1.92
N LYS B 23 -13.95 -4.31 2.35
CA LYS B 23 -14.65 -3.31 1.59
C LYS B 23 -13.63 -2.69 0.69
N VAL B 24 -13.69 -3.05 -0.60
CA VAL B 24 -12.70 -2.65 -1.61
C VAL B 24 -13.30 -1.68 -2.56
N ILE B 25 -12.71 -0.47 -2.61
CA ILE B 25 -13.22 0.58 -3.54
C ILE B 25 -12.05 1.07 -4.41
N MET B 26 -12.23 0.93 -5.72
CA MET B 26 -11.31 1.50 -6.67
C MET B 26 -11.78 2.85 -7.10
N TYR B 27 -11.05 3.88 -6.72
CA TYR B 27 -11.30 5.25 -7.19
C TYR B 27 -10.53 5.46 -8.50
N GLY B 28 -11.27 5.77 -9.49
CA GLY B 28 -10.70 5.96 -10.82
C GLY B 28 -11.34 7.12 -11.55
N LEU B 29 -11.04 7.17 -12.83
CA LEU B 29 -11.60 8.18 -13.71
C LEU B 29 -12.17 7.44 -14.91
N SER B 30 -13.24 8.02 -15.48
CA SER B 30 -14.03 7.32 -16.49
C SER B 30 -13.27 7.04 -17.74
N THR B 31 -12.26 7.87 -18.07
CA THR B 31 -11.32 7.56 -19.12
C THR B 31 -10.00 7.62 -18.36
N CYS B 32 -9.29 6.51 -18.40
CA CYS B 32 -8.00 6.31 -17.76
C CYS B 32 -7.60 4.87 -18.03
N VAL B 33 -6.48 4.67 -18.74
CA VAL B 33 -6.11 3.34 -19.16
C VAL B 33 -5.71 2.51 -18.00
N TRP B 34 -4.91 3.03 -17.09
CA TRP B 34 -4.52 2.24 -15.92
C TRP B 34 -5.70 1.89 -15.02
N CYS B 35 -6.70 2.76 -14.95
CA CYS B 35 -7.93 2.44 -14.23
C CYS B 35 -8.64 1.28 -14.81
N LYS B 36 -8.77 1.28 -16.14
CA LYS B 36 -9.43 0.17 -16.83
C LYS B 36 -8.71 -1.13 -16.58
N LYS B 37 -7.37 -1.12 -16.65
CA LYS B 37 -6.58 -2.31 -16.46
C LYS B 37 -6.76 -2.84 -15.01
N THR B 38 -6.83 -1.92 -14.05
CA THR B 38 -6.99 -2.29 -12.62
C THR B 38 -8.38 -2.84 -12.41
N LYS B 39 -9.41 -2.24 -13.00
CA LYS B 39 -10.77 -2.78 -12.87
C LYS B 39 -10.85 -4.14 -13.46
N LYS B 40 -10.23 -4.39 -14.62
CA LYS B 40 -10.24 -5.72 -15.20
C LYS B 40 -9.52 -6.71 -14.30
N LEU B 41 -8.37 -6.38 -13.69
CA LEU B 41 -7.71 -7.27 -12.80
C LEU B 41 -8.58 -7.63 -11.60
N LEU B 42 -9.17 -6.62 -10.96
CA LEU B 42 -10.07 -6.92 -9.83
C LEU B 42 -11.19 -7.84 -10.25
N THR B 43 -11.77 -7.61 -11.43
CA THR B 43 -12.77 -8.46 -11.98
C THR B 43 -12.24 -9.88 -12.16
N ASP B 44 -11.06 -10.00 -12.71
CA ASP B 44 -10.44 -11.33 -12.93
C ASP B 44 -10.08 -12.03 -11.66
N LEU B 45 -9.84 -11.33 -10.57
CA LEU B 45 -9.52 -11.94 -9.28
C LEU B 45 -10.79 -12.40 -8.52
N GLY B 46 -11.99 -12.03 -9.01
CA GLY B 46 -13.21 -12.52 -8.42
C GLY B 46 -13.59 -11.95 -7.10
N VAL B 47 -12.99 -10.84 -6.72
CA VAL B 47 -13.24 -10.19 -5.44
C VAL B 47 -14.43 -9.29 -5.52
N ASP B 48 -15.11 -9.13 -4.37
CA ASP B 48 -16.20 -8.17 -4.27
C ASP B 48 -15.57 -6.77 -4.24
N PHE B 49 -15.99 -5.87 -5.11
CA PHE B 49 -15.48 -4.55 -5.11
C PHE B 49 -16.44 -3.58 -5.71
N ASP B 50 -16.19 -2.31 -5.39
CA ASP B 50 -16.83 -1.21 -6.08
C ASP B 50 -15.79 -0.41 -6.85
N TYR B 51 -16.20 0.20 -7.97
CA TYR B 51 -15.40 1.18 -8.66
C TYR B 51 -16.22 2.45 -8.83
N VAL B 52 -15.52 3.57 -8.69
CA VAL B 52 -16.14 4.88 -8.76
C VAL B 52 -15.34 5.80 -9.65
N TYR B 53 -16.01 6.42 -10.60
CA TYR B 53 -15.39 7.39 -11.47
C TYR B 53 -15.55 8.81 -10.89
N VAL B 54 -14.49 9.25 -10.23
CA VAL B 54 -14.56 10.46 -9.41
C VAL B 54 -14.96 11.65 -10.22
N ASP B 55 -14.56 11.68 -11.48
CA ASP B 55 -14.89 12.77 -12.37
C ASP B 55 -16.36 12.86 -12.71
N ARG B 56 -17.07 11.79 -12.48
CA ARG B 56 -18.52 11.79 -12.78
C ARG B 56 -19.35 12.10 -11.55
N LEU B 57 -18.78 12.24 -10.39
CA LEU B 57 -19.52 12.52 -9.14
C LEU B 57 -19.94 13.96 -9.12
N GLU B 58 -20.93 14.30 -8.27
CA GLU B 58 -21.25 15.71 -8.00
C GLU B 58 -20.11 16.28 -7.17
N GLY B 59 -19.95 17.60 -7.14
CA GLY B 59 -18.78 18.26 -6.60
C GLY B 59 -18.47 17.85 -5.21
N LYS B 60 -19.46 17.95 -4.33
CA LYS B 60 -19.18 17.64 -2.91
C LYS B 60 -18.73 16.15 -2.75
N GLU B 61 -19.40 15.28 -3.49
CA GLU B 61 -19.04 13.90 -3.40
C GLU B 61 -17.69 13.57 -3.99
N GLU B 62 -17.35 14.25 -5.05
CA GLU B 62 -16.03 14.12 -5.65
C GLU B 62 -14.94 14.51 -4.60
N GLU B 63 -15.17 15.60 -3.87
CA GLU B 63 -14.25 16.00 -2.78
C GLU B 63 -14.10 15.00 -1.74
N GLU B 64 -15.19 14.36 -1.34
CA GLU B 64 -15.05 13.34 -0.32
C GLU B 64 -14.22 12.21 -0.88
N ALA B 65 -14.44 11.83 -2.10
CA ALA B 65 -13.64 10.78 -2.65
C ALA B 65 -12.16 11.15 -2.79
N VAL B 66 -11.89 12.39 -3.20
CA VAL B 66 -10.54 12.87 -3.27
C VAL B 66 -9.81 12.84 -2.00
N GLU B 67 -10.49 13.28 -0.90
CA GLU B 67 -9.89 13.27 0.34
C GLU B 67 -9.56 11.91 0.80
N GLU B 68 -10.47 10.98 0.55
CA GLU B 68 -10.22 9.60 0.88
C GLU B 68 -8.99 8.99 0.17
N VAL B 69 -8.84 9.37 -1.08
CA VAL B 69 -7.63 9.05 -1.82
C VAL B 69 -6.41 9.70 -1.31
N ARG B 70 -6.54 11.04 -1.02
CA ARG B 70 -5.41 11.75 -0.51
C ARG B 70 -4.82 11.14 0.76
N ARG B 71 -5.63 10.56 1.64
CA ARG B 71 -5.13 9.86 2.85
C ARG B 71 -4.09 8.80 2.59
N PHE B 72 -4.20 8.15 1.43
CA PHE B 72 -3.32 7.07 1.03
C PHE B 72 -2.36 7.45 -0.08
N ASN B 73 -2.57 8.60 -0.67
CA ASN B 73 -1.92 8.92 -1.90
C ASN B 73 -1.85 10.44 -2.01
N PRO B 74 -0.83 11.04 -1.38
CA PRO B 74 -0.82 12.45 -1.23
C PRO B 74 -0.88 13.19 -2.54
N SER B 75 -0.37 12.62 -3.67
CA SER B 75 -0.49 13.23 -5.05
C SER B 75 -1.89 13.20 -5.72
N VAL B 76 -2.74 12.35 -5.22
CA VAL B 76 -4.14 12.21 -5.68
C VAL B 76 -4.18 11.78 -7.11
N SER B 77 -3.78 10.55 -7.38
CA SER B 77 -3.78 9.95 -8.72
C SER B 77 -4.74 8.75 -8.74
N PHE B 78 -5.05 8.35 -9.97
CA PHE B 78 -6.03 7.33 -10.20
C PHE B 78 -5.49 6.27 -11.14
N PRO B 79 -5.70 5.01 -10.86
CA PRO B 79 -6.57 4.51 -9.76
C PRO B 79 -5.83 4.43 -8.49
N THR B 80 -6.66 4.57 -7.38
CA THR B 80 -6.24 4.21 -6.05
C THR B 80 -7.28 3.24 -5.45
N THR B 81 -6.83 2.06 -5.12
CA THR B 81 -7.67 1.02 -4.66
C THR B 81 -7.51 0.90 -3.15
N ILE B 82 -8.65 1.12 -2.38
CA ILE B 82 -8.64 1.25 -0.91
C ILE B 82 -9.44 0.12 -0.32
N ILE B 83 -8.82 -0.53 0.68
CA ILE B 83 -9.45 -1.65 1.35
C ILE B 83 -9.74 -1.30 2.81
N ASN B 84 -11.04 -1.31 3.17
CA ASN B 84 -11.53 -1.00 4.52
C ASN B 84 -11.07 0.33 5.03
N ASP B 85 -10.85 1.28 4.13
CA ASP B 85 -10.29 2.58 4.46
C ASP B 85 -9.13 2.41 5.44
N GLU B 86 -8.31 1.39 5.19
CA GLU B 86 -7.19 1.08 5.99
C GLU B 86 -5.87 0.91 5.28
N LYS B 87 -5.91 0.45 4.03
CA LYS B 87 -4.76 0.27 3.21
C LYS B 87 -5.14 0.45 1.78
N ALA B 88 -4.09 0.74 0.98
CA ALA B 88 -4.42 1.12 -0.40
C ALA B 88 -3.25 0.74 -1.30
N ILE B 89 -3.61 0.63 -2.61
CA ILE B 89 -2.65 0.42 -3.74
C ILE B 89 -2.85 1.52 -4.70
N VAL B 90 -1.76 2.20 -5.02
CA VAL B 90 -1.76 3.25 -5.99
C VAL B 90 -1.31 2.70 -7.37
N GLY B 91 -2.17 2.78 -8.34
CA GLY B 91 -1.83 2.33 -9.70
C GLY B 91 -2.15 0.92 -9.98
N PHE B 92 -1.80 0.53 -11.24
CA PHE B 92 -1.93 -0.82 -11.69
C PHE B 92 -0.74 -1.61 -11.26
N LYS B 93 -0.77 -2.20 -10.06
CA LYS B 93 0.33 -2.91 -9.45
C LYS B 93 -0.15 -4.28 -9.04
N GLU B 94 -0.08 -5.24 -9.96
CA GLU B 94 -0.83 -6.46 -9.79
C GLU B 94 -0.41 -7.28 -8.58
N LYS B 95 0.89 -7.38 -8.30
CA LYS B 95 1.30 -8.19 -7.22
C LYS B 95 0.92 -7.51 -5.87
N GLU B 96 1.03 -6.21 -5.79
CA GLU B 96 0.55 -5.50 -4.61
C GLU B 96 -0.93 -5.69 -4.42
N ILE B 97 -1.74 -5.61 -5.44
CA ILE B 97 -3.18 -5.80 -5.34
C ILE B 97 -3.46 -7.18 -4.80
N ARG B 98 -2.84 -8.24 -5.37
CA ARG B 98 -3.09 -9.58 -4.87
C ARG B 98 -2.70 -9.71 -3.38
N GLU B 99 -1.51 -9.24 -3.01
CA GLU B 99 -1.02 -9.43 -1.67
C GLU B 99 -1.88 -8.67 -0.65
N SER B 100 -2.24 -7.45 -1.00
CA SER B 100 -3.07 -6.64 -0.10
C SER B 100 -4.48 -7.21 0.09
N LEU B 101 -4.99 -7.92 -0.88
CA LEU B 101 -6.33 -8.56 -0.80
C LEU B 101 -6.22 -9.94 -0.18
N GLY B 102 -5.05 -10.42 0.13
CA GLY B 102 -4.95 -11.67 0.87
C GLY B 102 -4.85 -12.91 0.03
N PHE B 103 -4.60 -12.78 -1.26
CA PHE B 103 -4.45 -13.97 -2.10
C PHE B 103 -3.19 -14.71 -1.83
C1 GOL C . 29.25 -1.33 5.88
O1 GOL C . 27.96 -1.45 5.48
C2 GOL C . 28.84 0.06 5.67
O2 GOL C . 28.50 0.78 6.82
C3 GOL C . 29.73 0.72 4.68
O3 GOL C . 28.64 1.12 4.00
S SO4 D . 12.57 -15.93 1.36
O1 SO4 D . 11.50 -16.71 1.96
O2 SO4 D . 12.27 -15.88 -0.12
O3 SO4 D . 12.24 -14.64 2.10
O4 SO4 D . 13.90 -16.60 1.73
S SO4 E . -5.36 -4.12 19.24
O1 SO4 E . -6.47 -5.10 19.14
O2 SO4 E . -4.46 -4.31 18.08
O3 SO4 E . -5.84 -2.71 19.26
O4 SO4 E . -4.52 -4.37 20.41
S SO4 F . 4.66 4.51 -0.12
O1 SO4 F . 3.55 3.70 -0.73
O2 SO4 F . 5.43 5.14 -1.19
O3 SO4 F . 4.16 5.49 0.73
O4 SO4 F . 5.48 3.43 0.54
S SO4 G . 11.25 0.07 -9.80
O1 SO4 G . 9.84 0.53 -9.82
O2 SO4 G . 11.35 -1.17 -10.52
O3 SO4 G . 12.09 1.04 -10.47
O4 SO4 G . 11.66 -0.36 -8.42
#